data_3BY0
#
_entry.id   3BY0
#
_cell.length_a   114.358
_cell.length_b   114.358
_cell.length_c   119.042
_cell.angle_alpha   90.00
_cell.angle_beta   90.00
_cell.angle_gamma   90.00
#
_symmetry.space_group_name_H-M   'P 41 21 2'
#
loop_
_entity.id
_entity.type
_entity.pdbx_description
1 polymer 'Neutrophil gelatinase-associated lipocalin'
2 non-polymer 'FE (III) ION'
3 non-polymer 'SULFATE ION'
4 non-polymer '2-(2,3-DIHYDROXY-BENZOYLAMINO)-3-HYDROXY-PROPIONIC ACID'
5 non-polymer '2,3-DIHYDROXY-BENZOIC ACID'
6 non-polymer GLYCEROL
7 water water
#
_entity_poly.entity_id   1
_entity_poly.type   'polypeptide(L)'
_entity_poly.pdbx_seq_one_letter_code
;MPLGLLWLGLALLGALHAQAQDSTSDLIPAPPLSKVPLQQNFQDNQFQGKWYVVGLAGNAILREDKDPQKMYATIYELKE
DKSYNVTSVLFRKKKCDYAIATFVPGSQPGEFTLGNIKSYPGLTSYLVRVVSTNYNQHAMVFFKKVSQNREYFKITLYGR
TKELTSELKENFIRFSKSLGLPENHIVFPVPIDQCIDG
;
_entity_poly.pdbx_strand_id   A,B,C
#
loop_
_chem_comp.id
_chem_comp.type
_chem_comp.name
_chem_comp.formula
DBH non-polymer '2,3-DIHYDROXY-BENZOIC ACID' 'C7 H6 O4'
FE non-polymer 'FE (III) ION' 'Fe 3'
GOL non-polymer GLYCEROL 'C3 H8 O3'
SO4 non-polymer 'SULFATE ION' 'O4 S -2'
#
# COMPACT_ATOMS: atom_id res chain seq x y z
N SER A 25 -1.62 8.92 35.73
CA SER A 25 -1.90 9.08 34.27
C SER A 25 -0.72 9.78 33.57
N ASP A 26 -0.12 9.09 32.60
CA ASP A 26 1.04 9.59 31.86
C ASP A 26 0.78 9.62 30.35
N LEU A 27 1.14 10.74 29.71
CA LEU A 27 0.91 10.92 28.28
C LEU A 27 2.09 11.55 27.57
N ILE A 28 2.39 11.08 26.37
CA ILE A 28 3.36 11.71 25.49
C ILE A 28 2.79 13.07 25.08
N PRO A 29 3.59 14.15 25.21
CA PRO A 29 3.07 15.49 24.98
C PRO A 29 2.60 15.70 23.55
N ALA A 30 1.51 16.47 23.39
CA ALA A 30 1.05 16.85 22.07
C ALA A 30 2.13 17.67 21.38
N PRO A 31 2.39 17.39 20.10
CA PRO A 31 3.38 18.15 19.35
C PRO A 31 2.92 19.60 19.11
N PRO A 32 3.88 20.52 18.92
CA PRO A 32 3.49 21.86 18.51
C PRO A 32 2.84 21.85 17.12
N LEU A 33 1.81 22.67 16.94
CA LEU A 33 1.08 22.75 15.67
C LEU A 33 1.97 23.06 14.46
N SER A 34 3.14 23.63 14.70
CA SER A 34 4.12 23.90 13.64
C SER A 34 4.63 22.61 12.98
N LYS A 35 4.68 21.53 13.76
CA LYS A 35 5.12 20.22 13.27
C LYS A 35 4.01 19.44 12.56
N VAL A 36 2.80 19.99 12.53
CA VAL A 36 1.66 19.35 11.87
C VAL A 36 1.30 20.11 10.59
N PRO A 37 1.69 19.57 9.42
CA PRO A 37 1.40 20.23 8.16
C PRO A 37 -0.09 20.30 7.87
N LEU A 38 -0.46 21.26 7.01
CA LEU A 38 -1.84 21.38 6.54
C LEU A 38 -1.87 21.08 5.05
N GLN A 39 -2.82 20.24 4.64
CA GLN A 39 -3.07 19.98 3.23
C GLN A 39 -3.43 21.30 2.52
N GLN A 40 -2.64 21.66 1.51
CA GLN A 40 -2.82 22.91 0.79
C GLN A 40 -4.02 22.83 -0.17
N ASN A 41 -4.70 23.95 -0.34
CA ASN A 41 -5.84 24.06 -1.26
C ASN A 41 -6.90 23.00 -0.98
N PHE A 42 -7.35 22.96 0.26
CA PHE A 42 -8.28 21.92 0.71
C PHE A 42 -9.65 22.03 0.04
N GLN A 43 -10.05 20.94 -0.61
CA GLN A 43 -11.36 20.87 -1.26
C GLN A 43 -12.34 20.09 -0.37
N ASP A 44 -13.21 20.83 0.31
CA ASP A 44 -14.13 20.25 1.29
C ASP A 44 -15.16 19.31 0.67
N ASN A 45 -15.61 19.62 -0.54
CA ASN A 45 -16.56 18.76 -1.25
C ASN A 45 -15.97 17.40 -1.65
N GLN A 46 -14.69 17.39 -2.01
CA GLN A 46 -14.00 16.15 -2.42
C GLN A 46 -13.60 15.26 -1.25
N PHE A 47 -13.57 15.82 -0.04
CA PHE A 47 -13.24 15.05 1.16
C PHE A 47 -14.45 14.30 1.71
N GLN A 48 -15.64 14.59 1.20
CA GLN A 48 -16.88 13.92 1.63
C GLN A 48 -16.86 12.42 1.38
N GLY A 49 -17.73 11.71 2.11
CA GLY A 49 -17.91 10.27 1.91
C GLY A 49 -17.21 9.41 2.95
N LYS A 50 -17.23 8.11 2.71
CA LYS A 50 -16.69 7.13 3.65
C LYS A 50 -15.17 7.00 3.56
N TRP A 51 -14.52 6.95 4.72
CA TRP A 51 -13.10 6.65 4.82
C TRP A 51 -12.92 5.49 5.79
N TYR A 52 -12.06 4.54 5.43
CA TYR A 52 -11.69 3.45 6.32
C TYR A 52 -10.48 3.85 7.15
N VAL A 53 -10.48 3.49 8.43
CA VAL A 53 -9.36 3.74 9.31
C VAL A 53 -8.36 2.58 9.20
N VAL A 54 -7.38 2.75 8.31
CA VAL A 54 -6.38 1.71 8.05
C VAL A 54 -5.16 1.87 8.97
N GLY A 55 -4.94 3.08 9.47
CA GLY A 55 -3.88 3.34 10.45
C GLY A 55 -4.32 4.30 11.55
N LEU A 56 -3.92 4.01 12.78
CA LEU A 56 -4.28 4.83 13.93
C LEU A 56 -3.10 4.97 14.91
N ALA A 57 -2.76 6.22 15.24
CA ALA A 57 -1.66 6.51 16.17
C ALA A 57 -2.03 7.63 17.14
N GLY A 58 -1.47 7.60 18.33
CA GLY A 58 -1.74 8.61 19.35
C GLY A 58 -1.18 8.30 20.71
N ASN A 59 -1.15 9.30 21.59
CA ASN A 59 -0.58 9.14 22.93
C ASN A 59 -1.47 8.33 23.88
N ALA A 60 -2.69 8.06 23.46
CA ALA A 60 -3.64 7.22 24.19
C ALA A 60 -3.89 5.89 23.47
N ILE A 61 -3.32 5.72 22.28
CA ILE A 61 -3.47 4.50 21.48
C ILE A 61 -2.34 3.53 21.82
N LEU A 62 -2.71 2.30 22.19
CA LEU A 62 -1.73 1.26 22.54
C LEU A 62 -1.98 -0.05 21.78
N ARG A 63 -0.90 -0.61 21.23
CA ARG A 63 -0.96 -1.91 20.55
C ARG A 63 -1.38 -3.00 21.53
N GLU A 64 -2.48 -3.69 21.21
CA GLU A 64 -3.01 -4.75 22.08
C GLU A 64 -3.16 -6.07 21.31
N ASP A 65 -2.15 -6.92 21.45
CA ASP A 65 -2.05 -8.15 20.66
C ASP A 65 -3.07 -9.23 21.06
N LYS A 66 -3.54 -9.18 22.30
CA LYS A 66 -4.54 -10.13 22.77
C LYS A 66 -5.91 -9.88 22.15
N ASP A 67 -6.38 -8.64 22.24
CA ASP A 67 -7.62 -8.22 21.57
C ASP A 67 -7.33 -7.09 20.56
N PRO A 68 -6.91 -7.46 19.34
CA PRO A 68 -6.45 -6.49 18.33
C PRO A 68 -7.56 -5.56 17.84
N GLN A 69 -7.17 -4.31 17.57
CA GLN A 69 -8.08 -3.26 17.12
C GLN A 69 -8.76 -3.61 15.79
N LYS A 70 -10.10 -3.58 15.80
CA LYS A 70 -10.89 -3.80 14.60
C LYS A 70 -11.04 -2.51 13.79
N MET A 71 -11.01 -2.64 12.47
CA MET A 71 -11.16 -1.50 11.57
C MET A 71 -12.56 -0.91 11.69
N TYR A 72 -12.63 0.41 11.70
CA TYR A 72 -13.90 1.14 11.66
C TYR A 72 -13.86 2.18 10.56
N ALA A 73 -15.01 2.81 10.31
CA ALA A 73 -15.13 3.77 9.21
C ALA A 73 -15.69 5.10 9.71
N THR A 74 -15.30 6.17 9.05
CA THR A 74 -15.81 7.51 9.35
C THR A 74 -16.31 8.15 8.06
N ILE A 75 -17.55 8.65 8.10
CA ILE A 75 -18.23 9.21 6.94
C ILE A 75 -18.38 10.72 7.12
N TYR A 76 -17.92 11.48 6.12
CA TYR A 76 -17.97 12.95 6.13
C TYR A 76 -19.02 13.46 5.15
N GLU A 77 -19.91 14.32 5.63
CA GLU A 77 -20.97 14.89 4.78
C GLU A 77 -21.09 16.40 4.99
N LEU A 78 -20.86 17.15 3.92
CA LEU A 78 -20.98 18.61 3.96
C LEU A 78 -22.42 19.04 4.13
N LYS A 79 -22.70 19.75 5.22
CA LYS A 79 -23.95 20.48 5.38
C LYS A 79 -23.92 21.70 4.46
N GLU A 80 -25.08 22.29 4.22
CA GLU A 80 -25.14 23.45 3.31
C GLU A 80 -24.44 24.69 3.87
N ASP A 81 -24.30 24.77 5.20
CA ASP A 81 -23.47 25.83 5.83
C ASP A 81 -21.97 25.48 5.81
N LYS A 82 -21.63 24.42 5.07
CA LYS A 82 -20.25 23.95 4.82
C LYS A 82 -19.49 23.42 6.04
N SER A 83 -20.22 23.10 7.11
CA SER A 83 -19.66 22.33 8.21
C SER A 83 -19.97 20.86 7.93
N TYR A 84 -19.23 19.96 8.57
CA TYR A 84 -19.35 18.52 8.31
C TYR A 84 -20.26 17.81 9.30
N ASN A 85 -21.10 16.93 8.77
CA ASN A 85 -21.74 15.90 9.58
C ASN A 85 -20.84 14.67 9.58
N VAL A 86 -20.34 14.31 10.76
CA VAL A 86 -19.37 13.23 10.88
C VAL A 86 -19.97 12.06 11.65
N THR A 87 -19.99 10.89 11.00
CA THR A 87 -20.51 9.66 11.62
C THR A 87 -19.41 8.60 11.60
N SER A 88 -19.11 8.03 12.76
CA SER A 88 -18.20 6.89 12.83
C SER A 88 -18.99 5.62 13.12
N VAL A 89 -18.72 4.58 12.34
CA VAL A 89 -19.40 3.29 12.51
C VAL A 89 -18.39 2.23 12.92
N LEU A 90 -18.64 1.63 14.08
CA LEU A 90 -17.74 0.65 14.68
C LEU A 90 -18.45 -0.67 14.92
N PHE A 91 -17.71 -1.77 14.80
CA PHE A 91 -18.23 -3.09 15.17
C PHE A 91 -17.78 -3.41 16.59
N ARG A 92 -18.70 -3.30 17.53
CA ARG A 92 -18.41 -3.50 18.95
C ARG A 92 -19.50 -4.32 19.61
N LYS A 93 -19.09 -5.38 20.31
CA LYS A 93 -20.00 -6.31 21.00
C LYS A 93 -21.13 -6.80 20.10
N LYS A 94 -20.74 -7.33 18.94
CA LYS A 94 -21.64 -7.96 17.96
C LYS A 94 -22.69 -7.02 17.35
N LYS A 95 -22.49 -5.71 17.53
CA LYS A 95 -23.42 -4.70 17.02
C LYS A 95 -22.69 -3.53 16.36
N CYS A 96 -23.44 -2.73 15.60
CA CYS A 96 -22.91 -1.54 14.95
C CYS A 96 -23.17 -0.32 15.82
N ASP A 97 -22.09 0.38 16.16
CA ASP A 97 -22.14 1.53 17.05
C ASP A 97 -21.90 2.82 16.26
N TYR A 98 -22.75 3.82 16.48
CA TYR A 98 -22.70 5.06 15.70
C TYR A 98 -22.39 6.29 16.55
N ALA A 99 -21.23 6.90 16.29
CA ALA A 99 -20.81 8.14 16.95
C ALA A 99 -20.94 9.33 16.01
N ILE A 100 -21.71 10.34 16.44
CA ILE A 100 -21.98 11.51 15.60
C ILE A 100 -21.30 12.75 16.16
N ALA A 101 -20.74 13.55 15.26
CA ALA A 101 -20.15 14.84 15.64
C ALA A 101 -20.28 15.82 14.47
N THR A 102 -20.09 17.10 14.77
CA THR A 102 -20.08 18.14 13.75
C THR A 102 -18.70 18.81 13.73
N PHE A 103 -18.09 18.87 12.54
CA PHE A 103 -16.83 19.57 12.37
C PHE A 103 -17.09 20.93 11.73
N VAL A 104 -16.83 21.98 12.49
CA VAL A 104 -17.02 23.36 12.05
C VAL A 104 -15.70 23.92 11.52
N PRO A 105 -15.70 24.47 10.29
CA PRO A 105 -14.48 25.00 9.67
C PRO A 105 -13.71 25.97 10.56
N GLY A 106 -12.41 25.74 10.70
CA GLY A 106 -11.56 26.53 11.60
C GLY A 106 -10.94 27.74 10.94
N SER A 107 -9.74 28.09 11.37
CA SER A 107 -9.06 29.31 10.93
C SER A 107 -8.71 29.29 9.43
N GLN A 108 -8.36 28.13 8.92
CA GLN A 108 -8.05 27.98 7.49
C GLN A 108 -8.57 26.64 6.95
N PRO A 109 -8.81 26.55 5.62
CA PRO A 109 -9.37 25.34 5.03
C PRO A 109 -8.52 24.10 5.32
N GLY A 110 -9.19 23.01 5.70
CA GLY A 110 -8.51 21.80 6.16
C GLY A 110 -8.43 21.71 7.67
N GLU A 111 -8.82 22.80 8.35
CA GLU A 111 -8.84 22.85 9.81
C GLU A 111 -10.26 22.93 10.32
N PHE A 112 -10.53 22.27 11.44
CA PHE A 112 -11.88 22.20 11.98
C PHE A 112 -11.91 22.27 13.50
N THR A 113 -13.03 22.74 14.03
CA THR A 113 -13.30 22.72 15.47
C THR A 113 -14.61 21.96 15.68
N LEU A 114 -14.85 21.54 16.91
CA LEU A 114 -16.00 20.69 17.23
C LEU A 114 -17.23 21.52 17.60
N GLY A 115 -18.36 21.21 16.97
CA GLY A 115 -19.64 21.86 17.26
C GLY A 115 -20.29 21.31 18.52
N ASN A 116 -21.08 22.16 19.18
CA ASN A 116 -21.77 21.83 20.43
C ASN A 116 -20.86 21.14 21.45
N ILE A 117 -19.75 21.81 21.75
CA ILE A 117 -18.72 21.27 22.64
C ILE A 117 -19.22 21.11 24.09
N LYS A 118 -20.22 21.91 24.45
CA LYS A 118 -20.83 21.87 25.78
C LYS A 118 -21.55 20.54 26.09
N SER A 119 -22.03 19.87 25.04
CA SER A 119 -22.70 18.58 25.19
C SER A 119 -21.72 17.45 25.53
N TYR A 120 -20.42 17.74 25.49
CA TYR A 120 -19.39 16.78 25.88
C TYR A 120 -18.78 17.22 27.22
N PRO A 121 -19.17 16.55 28.33
CA PRO A 121 -18.72 16.95 29.65
C PRO A 121 -17.21 16.78 29.86
N GLY A 122 -16.56 17.86 30.28
CA GLY A 122 -15.13 17.85 30.57
C GLY A 122 -14.24 18.19 29.39
N LEU A 123 -14.85 18.45 28.24
CA LEU A 123 -14.10 18.73 27.01
C LEU A 123 -13.98 20.24 26.80
N THR A 124 -12.75 20.74 26.79
CA THR A 124 -12.50 22.19 26.72
C THR A 124 -11.96 22.65 25.36
N SER A 125 -11.36 21.74 24.59
CA SER A 125 -10.87 22.07 23.25
CA SER A 125 -10.83 22.06 23.26
C SER A 125 -10.82 20.83 22.35
N TYR A 126 -11.00 21.05 21.05
CA TYR A 126 -10.98 19.97 20.06
C TYR A 126 -10.59 20.53 18.69
N LEU A 127 -9.48 20.07 18.15
CA LEU A 127 -8.94 20.56 16.88
C LEU A 127 -8.80 19.42 15.87
N VAL A 128 -9.15 19.72 14.62
CA VAL A 128 -8.97 18.76 13.52
C VAL A 128 -8.18 19.44 12.40
N ARG A 129 -7.09 18.80 11.98
CA ARG A 129 -6.29 19.30 10.86
C ARG A 129 -5.99 18.19 9.84
N VAL A 130 -6.49 18.36 8.62
CA VAL A 130 -6.20 17.45 7.53
C VAL A 130 -4.77 17.67 7.07
N VAL A 131 -3.90 16.72 7.40
CA VAL A 131 -2.47 16.84 7.10
C VAL A 131 -2.19 16.67 5.62
N SER A 132 -2.74 15.61 5.03
CA SER A 132 -2.45 15.23 3.66
C SER A 132 -3.58 14.37 3.09
N THR A 133 -3.87 14.54 1.79
CA THR A 133 -4.88 13.72 1.12
C THR A 133 -4.87 13.91 -0.40
N ASN A 134 -5.21 12.85 -1.13
CA ASN A 134 -5.47 12.94 -2.58
C ASN A 134 -6.96 12.74 -2.89
N TYR A 135 -7.77 12.72 -1.84
CA TYR A 135 -9.24 12.70 -1.93
C TYR A 135 -9.88 11.38 -2.37
N ASN A 136 -9.28 10.67 -3.32
CA ASN A 136 -9.91 9.44 -3.84
C ASN A 136 -9.26 8.12 -3.40
N GLN A 137 -8.13 8.19 -2.70
CA GLN A 137 -7.44 6.98 -2.23
C GLN A 137 -7.06 7.04 -0.75
N HIS A 138 -6.42 8.13 -0.32
CA HIS A 138 -5.86 8.20 1.02
C HIS A 138 -5.93 9.59 1.67
N ALA A 139 -5.76 9.60 2.99
CA ALA A 139 -5.74 10.83 3.78
C ALA A 139 -5.05 10.60 5.12
N MET A 140 -4.40 11.64 5.63
CA MET A 140 -3.88 11.65 6.99
C MET A 140 -4.49 12.83 7.72
N VAL A 141 -5.11 12.57 8.86
CA VAL A 141 -5.78 13.60 9.64
C VAL A 141 -5.27 13.62 11.08
N PHE A 142 -4.99 14.82 11.58
CA PHE A 142 -4.49 15.05 12.93
C PHE A 142 -5.61 15.59 13.80
N PHE A 143 -5.79 14.97 14.97
CA PHE A 143 -6.79 15.40 15.94
C PHE A 143 -6.10 15.78 17.24
N LYS A 144 -6.58 16.84 17.90
CA LYS A 144 -6.10 17.21 19.24
C LYS A 144 -7.25 17.64 20.13
N LYS A 145 -7.34 17.03 21.31
CA LYS A 145 -8.37 17.40 22.28
C LYS A 145 -7.82 17.59 23.69
N VAL A 146 -8.48 18.46 24.45
CA VAL A 146 -8.24 18.57 25.89
C VAL A 146 -9.52 18.15 26.61
N SER A 147 -9.44 17.02 27.31
CA SER A 147 -10.57 16.42 28.01
C SER A 147 -10.15 16.10 29.44
N GLN A 148 -10.95 16.56 30.40
CA GLN A 148 -10.61 16.50 31.84
C GLN A 148 -9.18 17.01 32.10
N ASN A 149 -8.84 18.12 31.44
CA ASN A 149 -7.52 18.79 31.54
C ASN A 149 -6.34 18.00 30.96
N ARG A 150 -6.60 16.83 30.39
CA ARG A 150 -5.56 16.00 29.81
C ARG A 150 -5.50 16.21 28.29
N GLU A 151 -4.29 16.37 27.77
CA GLU A 151 -4.12 16.65 26.34
C GLU A 151 -3.90 15.38 25.54
N TYR A 152 -4.84 15.09 24.65
CA TYR A 152 -4.75 13.91 23.79
C TYR A 152 -4.62 14.34 22.33
N PHE A 153 -3.84 13.57 21.57
CA PHE A 153 -3.74 13.78 20.13
C PHE A 153 -3.66 12.43 19.41
N LYS A 154 -4.16 12.41 18.18
CA LYS A 154 -4.09 11.22 17.35
C LYS A 154 -3.96 11.56 15.87
N ILE A 155 -3.32 10.67 15.13
CA ILE A 155 -3.25 10.76 13.68
C ILE A 155 -3.95 9.53 13.09
N THR A 156 -4.90 9.77 12.20
CA THR A 156 -5.57 8.68 11.48
C THR A 156 -5.07 8.60 10.05
N LEU A 157 -4.70 7.40 9.62
CA LEU A 157 -4.46 7.14 8.20
C LEU A 157 -5.77 6.64 7.63
N TYR A 158 -6.43 7.51 6.86
CA TYR A 158 -7.66 7.18 6.18
C TYR A 158 -7.36 6.56 4.82
N GLY A 159 -8.10 5.50 4.50
CA GLY A 159 -8.03 4.88 3.18
C GLY A 159 -9.42 4.81 2.59
N ARG A 160 -9.52 5.06 1.29
CA ARG A 160 -10.80 4.97 0.59
C ARG A 160 -11.22 3.52 0.43
N THR A 161 -10.22 2.63 0.39
CA THR A 161 -10.43 1.18 0.49
C THR A 161 -9.86 0.71 1.83
N LYS A 162 -10.11 -0.56 2.17
CA LYS A 162 -9.64 -1.15 3.43
C LYS A 162 -8.13 -1.42 3.44
N GLU A 163 -7.51 -1.34 2.27
CA GLU A 163 -6.08 -1.63 2.15
C GLU A 163 -5.35 -0.50 1.43
N LEU A 164 -4.14 -0.22 1.91
CA LEU A 164 -3.25 0.78 1.29
C LEU A 164 -1.84 0.21 1.13
N THR A 165 -1.10 0.76 0.18
CA THR A 165 0.26 0.31 -0.11
C THR A 165 1.16 0.44 1.11
N SER A 166 2.13 -0.47 1.23
CA SER A 166 3.08 -0.44 2.35
C SER A 166 3.87 0.87 2.39
N GLU A 167 4.01 1.52 1.24
CA GLU A 167 4.67 2.83 1.15
C GLU A 167 3.90 3.90 1.95
N LEU A 168 2.59 3.97 1.71
CA LEU A 168 1.74 4.95 2.40
C LEU A 168 1.67 4.67 3.90
N LYS A 169 1.58 3.38 4.26
CA LYS A 169 1.59 2.97 5.65
C LYS A 169 2.90 3.34 6.35
N GLU A 170 4.01 3.22 5.61
CA GLU A 170 5.33 3.59 6.13
C GLU A 170 5.45 5.10 6.34
N ASN A 171 4.89 5.87 5.40
CA ASN A 171 4.85 7.33 5.53
CA ASN A 171 4.85 7.33 5.53
C ASN A 171 4.12 7.76 6.80
N PHE A 172 3.03 7.05 7.10
CA PHE A 172 2.22 7.29 8.29
C PHE A 172 3.00 6.98 9.56
N ILE A 173 3.77 5.90 9.53
CA ILE A 173 4.63 5.50 10.66
C ILE A 173 5.72 6.55 10.92
N ARG A 174 6.35 7.05 9.86
CA ARG A 174 7.38 8.07 9.98
C ARG A 174 6.81 9.40 10.49
N PHE A 175 5.62 9.75 10.05
CA PHE A 175 4.95 10.98 10.48
C PHE A 175 4.55 10.91 11.95
N SER A 176 4.03 9.75 12.36
CA SER A 176 3.65 9.52 13.76
C SER A 176 4.88 9.60 14.67
N LYS A 177 5.98 9.04 14.20
CA LYS A 177 7.24 9.08 14.93
C LYS A 177 7.80 10.50 15.04
N SER A 178 7.65 11.29 13.97
CA SER A 178 8.12 12.68 13.97
C SER A 178 7.40 13.54 15.00
N LEU A 179 6.19 13.11 15.40
CA LEU A 179 5.41 13.81 16.42
C LEU A 179 5.61 13.20 17.82
N GLY A 180 6.61 12.33 17.96
CA GLY A 180 7.03 11.82 19.27
C GLY A 180 6.54 10.44 19.65
N LEU A 181 5.79 9.79 18.75
CA LEU A 181 5.16 8.51 19.08
C LEU A 181 6.03 7.30 18.72
N PRO A 182 6.22 6.38 19.67
CA PRO A 182 6.92 5.12 19.41
C PRO A 182 6.01 4.10 18.73
N GLU A 183 6.60 3.03 18.21
CA GLU A 183 5.87 2.04 17.40
C GLU A 183 4.69 1.38 18.11
N ASN A 184 4.80 1.17 19.42
CA ASN A 184 3.73 0.55 20.19
C ASN A 184 2.50 1.46 20.39
N HIS A 185 2.63 2.73 19.99
CA HIS A 185 1.51 3.66 19.96
C HIS A 185 0.92 3.83 18.55
N ILE A 186 1.37 3.02 17.61
CA ILE A 186 0.90 3.07 16.22
C ILE A 186 0.31 1.73 15.84
N VAL A 187 -0.99 1.71 15.54
CA VAL A 187 -1.67 0.46 15.14
C VAL A 187 -2.22 0.53 13.72
N PHE A 188 -2.34 -0.66 13.12
CA PHE A 188 -3.03 -0.82 11.85
C PHE A 188 -4.21 -1.75 12.08
N PRO A 189 -5.42 -1.18 12.24
CA PRO A 189 -6.62 -1.96 12.50
C PRO A 189 -6.86 -3.06 11.48
N VAL A 190 -7.39 -4.19 11.94
CA VAL A 190 -7.64 -5.35 11.09
C VAL A 190 -8.93 -5.17 10.28
N PRO A 191 -8.85 -5.28 8.94
CA PRO A 191 -10.02 -5.19 8.06
C PRO A 191 -11.17 -6.11 8.47
N ILE A 192 -12.40 -5.59 8.43
CA ILE A 192 -13.61 -6.38 8.70
C ILE A 192 -14.71 -6.05 7.68
N ASP A 193 -15.78 -6.85 7.71
CA ASP A 193 -16.92 -6.67 6.80
C ASP A 193 -18.20 -6.19 7.49
N GLN A 194 -18.34 -6.50 8.78
CA GLN A 194 -19.49 -6.05 9.56
C GLN A 194 -19.50 -4.54 9.71
N CYS A 195 -20.69 -3.96 9.58
CA CYS A 195 -20.96 -2.54 9.87
C CYS A 195 -20.38 -1.52 8.89
N ILE A 196 -19.14 -1.74 8.45
CA ILE A 196 -18.39 -0.70 7.71
C ILE A 196 -18.50 -0.77 6.18
N ASP A 197 -19.27 -1.72 5.66
CA ASP A 197 -19.46 -1.86 4.20
C ASP A 197 -20.73 -1.20 3.68
N GLY A 198 -21.46 -0.49 4.55
CA GLY A 198 -22.69 0.21 4.17
C GLY A 198 -22.44 1.38 3.24
N SER B 25 18.26 -15.18 31.07
CA SER B 25 18.63 -15.30 29.63
C SER B 25 17.44 -15.82 28.81
N ASP B 26 16.73 -14.89 28.18
CA ASP B 26 15.60 -15.22 27.30
C ASP B 26 15.86 -14.74 25.88
N LEU B 27 15.67 -15.63 24.92
CA LEU B 27 15.99 -15.36 23.51
C LEU B 27 14.78 -15.58 22.61
N ILE B 28 14.52 -14.60 21.74
CA ILE B 28 13.47 -14.69 20.73
C ILE B 28 13.84 -15.80 19.73
N PRO B 29 12.96 -16.80 19.55
CA PRO B 29 13.25 -17.99 18.74
C PRO B 29 13.74 -17.69 17.32
N ALA B 30 14.59 -18.57 16.80
CA ALA B 30 15.10 -18.45 15.45
C ALA B 30 14.06 -18.95 14.44
N PRO B 31 13.78 -18.16 13.39
CA PRO B 31 12.81 -18.53 12.37
C PRO B 31 13.28 -19.71 11.51
N PRO B 32 12.35 -20.51 10.97
CA PRO B 32 12.72 -21.63 10.10
C PRO B 32 13.38 -21.18 8.80
N LEU B 33 14.19 -22.06 8.23
CA LEU B 33 14.94 -21.77 7.00
C LEU B 33 14.03 -21.52 5.78
N SER B 34 12.83 -22.12 5.80
CA SER B 34 11.85 -21.93 4.73
C SER B 34 11.29 -20.51 4.67
N LYS B 35 11.20 -19.85 5.83
CA LYS B 35 10.72 -18.47 5.92
C LYS B 35 11.81 -17.43 5.62
N VAL B 36 13.05 -17.89 5.46
CA VAL B 36 14.15 -17.02 5.05
C VAL B 36 14.49 -17.30 3.58
N PRO B 37 14.26 -16.32 2.69
CA PRO B 37 14.50 -16.50 1.25
C PRO B 37 15.99 -16.53 0.88
N LEU B 38 16.29 -17.14 -0.27
CA LEU B 38 17.65 -17.20 -0.80
C LEU B 38 17.70 -16.55 -2.19
N GLN B 39 18.74 -15.76 -2.42
CA GLN B 39 18.93 -15.08 -3.72
C GLN B 39 19.19 -16.09 -4.83
N GLN B 40 18.27 -16.13 -5.79
CA GLN B 40 18.37 -17.04 -6.94
C GLN B 40 19.44 -16.56 -7.92
N ASN B 41 20.21 -17.52 -8.45
CA ASN B 41 21.33 -17.25 -9.35
C ASN B 41 22.37 -16.33 -8.67
N PHE B 42 22.94 -16.82 -7.59
CA PHE B 42 23.93 -16.08 -6.81
C PHE B 42 25.29 -16.07 -7.52
N GLN B 43 25.82 -14.88 -7.76
CA GLN B 43 27.12 -14.72 -8.43
C GLN B 43 28.12 -14.11 -7.44
N ASP B 44 29.01 -14.96 -6.94
CA ASP B 44 29.90 -14.63 -5.82
C ASP B 44 30.96 -13.56 -6.13
N ASN B 45 31.45 -13.54 -7.38
CA ASN B 45 32.52 -12.59 -7.77
C ASN B 45 32.11 -11.12 -7.69
N GLN B 46 30.83 -10.84 -7.91
CA GLN B 46 30.29 -9.48 -7.80
C GLN B 46 29.97 -9.10 -6.35
N PHE B 47 29.88 -10.11 -5.48
CA PHE B 47 29.61 -9.91 -4.05
C PHE B 47 30.88 -9.55 -3.28
N GLN B 48 32.04 -9.84 -3.87
CA GLN B 48 33.34 -9.60 -3.24
C GLN B 48 33.57 -8.13 -2.87
N GLY B 49 34.45 -7.91 -1.89
CA GLY B 49 34.91 -6.57 -1.53
C GLY B 49 34.56 -6.16 -0.11
N LYS B 50 34.66 -4.86 0.15
CA LYS B 50 34.34 -4.30 1.46
C LYS B 50 32.87 -3.92 1.54
N TRP B 51 32.21 -4.37 2.61
CA TRP B 51 30.82 -4.03 2.89
C TRP B 51 30.72 -3.22 4.18
N TYR B 52 29.86 -2.20 4.17
CA TYR B 52 29.60 -1.38 5.35
C TYR B 52 28.33 -1.85 6.05
N VAL B 53 28.45 -2.13 7.35
CA VAL B 53 27.30 -2.56 8.15
C VAL B 53 26.42 -1.37 8.48
N VAL B 54 25.39 -1.16 7.66
CA VAL B 54 24.46 -0.04 7.82
C VAL B 54 23.15 -0.48 8.48
N GLY B 55 22.92 -1.79 8.53
CA GLY B 55 21.75 -2.36 9.20
C GLY B 55 22.13 -3.57 10.04
N LEU B 56 21.66 -3.58 11.29
CA LEU B 56 21.98 -4.65 12.24
C LEU B 56 20.77 -4.98 13.10
N ALA B 57 20.38 -6.25 13.12
CA ALA B 57 19.23 -6.71 13.91
C ALA B 57 19.42 -8.15 14.37
N GLY B 58 19.09 -8.41 15.64
CA GLY B 58 19.22 -9.76 16.21
C GLY B 58 18.60 -9.91 17.59
N ASN B 59 18.42 -11.16 18.01
CA ASN B 59 17.84 -11.47 19.33
C ASN B 59 18.77 -11.14 20.50
N ALA B 60 20.07 -11.13 20.24
CA ALA B 60 21.07 -10.69 21.22
C ALA B 60 21.40 -9.21 21.04
N ILE B 61 21.13 -8.68 19.85
CA ILE B 61 21.36 -7.27 19.54
C ILE B 61 20.26 -6.42 20.17
N LEU B 62 20.67 -5.34 20.87
CA LEU B 62 19.74 -4.46 21.58
C LEU B 62 19.98 -2.99 21.24
N ARG B 63 18.89 -2.22 21.21
CA ARG B 63 18.97 -0.77 21.02
C ARG B 63 19.54 -0.12 22.29
N GLU B 64 20.52 0.77 22.09
CA GLU B 64 21.16 1.45 23.22
C GLU B 64 21.37 2.94 22.91
N ASP B 65 20.50 3.76 23.49
CA ASP B 65 20.58 5.22 23.40
C ASP B 65 21.65 5.74 24.37
N LYS B 66 22.03 4.89 25.32
CA LYS B 66 23.10 5.17 26.28
C LYS B 66 24.47 5.23 25.59
N ASP B 67 24.74 4.21 24.77
CA ASP B 67 25.96 4.13 23.97
C ASP B 67 25.64 3.52 22.59
N PRO B 68 25.53 4.38 21.56
CA PRO B 68 25.14 3.91 20.22
C PRO B 68 26.23 3.09 19.52
N GLN B 69 25.81 2.26 18.57
CA GLN B 69 26.74 1.40 17.82
C GLN B 69 27.55 2.18 16.78
N LYS B 70 28.87 2.11 16.91
CA LYS B 70 29.77 2.68 15.91
C LYS B 70 29.89 1.73 14.73
N MET B 71 29.83 2.27 13.52
CA MET B 71 29.79 1.47 12.30
C MET B 71 31.11 0.72 12.07
N TYR B 72 30.99 -0.56 11.76
CA TYR B 72 32.15 -1.41 11.46
C TYR B 72 32.03 -1.99 10.05
N ALA B 73 33.17 -2.36 9.48
CA ALA B 73 33.23 -2.88 8.12
C ALA B 73 33.55 -4.38 8.12
N THR B 74 33.04 -5.07 7.10
CA THR B 74 33.30 -6.49 6.91
C THR B 74 33.80 -6.73 5.48
N ILE B 75 35.03 -7.21 5.37
CA ILE B 75 35.68 -7.41 4.06
C ILE B 75 35.57 -8.86 3.63
N TYR B 76 34.99 -9.07 2.45
CA TYR B 76 34.81 -10.41 1.88
C TYR B 76 35.83 -10.69 0.78
N GLU B 77 36.94 -11.30 1.17
CA GLU B 77 37.99 -11.71 0.22
C GLU B 77 37.61 -13.01 -0.47
N LEU B 78 37.31 -12.93 -1.77
CA LEU B 78 37.02 -14.14 -2.56
C LEU B 78 38.34 -14.89 -2.77
N LYS B 79 38.48 -16.02 -2.07
CA LYS B 79 39.75 -16.75 -1.97
C LYS B 79 39.96 -17.72 -3.14
N GLU B 80 41.10 -18.42 -3.13
CA GLU B 80 41.42 -19.45 -4.11
C GLU B 80 40.50 -20.66 -4.00
N SER B 83 36.21 -20.03 -1.38
CA SER B 83 35.71 -19.63 -0.07
C SER B 83 35.88 -18.12 0.15
N TYR B 84 35.53 -17.66 1.35
CA TYR B 84 35.68 -16.25 1.72
C TYR B 84 36.58 -16.09 2.94
N ASN B 85 37.41 -15.05 2.92
CA ASN B 85 38.17 -14.62 4.10
C ASN B 85 37.53 -13.40 4.71
N VAL B 86 36.75 -13.61 5.76
CA VAL B 86 36.01 -12.54 6.42
C VAL B 86 36.87 -11.84 7.46
N THR B 87 37.17 -10.57 7.20
CA THR B 87 37.87 -9.72 8.15
C THR B 87 36.89 -8.63 8.59
N SER B 88 36.64 -8.56 9.89
CA SER B 88 35.75 -7.56 10.47
C SER B 88 36.53 -6.51 11.22
N VAL B 89 36.72 -5.36 10.58
CA VAL B 89 37.43 -4.24 11.19
C VAL B 89 36.45 -3.30 11.89
N LEU B 90 36.77 -2.96 13.15
CA LEU B 90 35.93 -2.09 13.96
C LEU B 90 36.76 -1.25 14.94
N PHE B 91 36.29 -0.02 15.20
CA PHE B 91 36.97 0.93 16.07
C PHE B 91 36.84 0.56 17.55
N LYS B 93 38.61 0.01 21.47
CA LYS B 93 38.74 0.87 22.64
C LYS B 93 40.20 1.27 22.91
N LYS B 94 40.76 2.20 22.14
CA LYS B 94 40.10 2.80 20.96
C LYS B 94 40.98 2.58 19.73
N LYS B 95 41.60 1.40 19.64
CA LYS B 95 42.45 1.04 18.51
C LYS B 95 41.59 0.57 17.33
N CYS B 96 42.25 0.24 16.22
CA CYS B 96 41.60 -0.47 15.12
C CYS B 96 41.79 -1.97 15.34
N ASP B 97 40.67 -2.70 15.38
CA ASP B 97 40.71 -4.14 15.67
C ASP B 97 40.10 -4.98 14.55
N TYR B 98 40.64 -6.19 14.39
CA TYR B 98 40.27 -7.09 13.31
C TYR B 98 39.85 -8.46 13.85
N ALA B 99 38.87 -9.08 13.19
CA ALA B 99 38.37 -10.41 13.55
C ALA B 99 38.33 -11.29 12.30
N ILE B 100 39.10 -12.36 12.31
CA ILE B 100 39.25 -13.22 11.13
C ILE B 100 38.30 -14.43 11.20
N ALA B 101 37.64 -14.70 10.09
CA ALA B 101 36.77 -15.87 9.93
C ALA B 101 36.79 -16.36 8.50
N THR B 102 36.43 -17.63 8.29
CA THR B 102 36.41 -18.22 6.95
C THR B 102 35.01 -18.73 6.61
N PHE B 103 34.50 -18.36 5.45
CA PHE B 103 33.14 -18.73 5.01
C PHE B 103 33.22 -19.68 3.82
N VAL B 104 32.76 -20.92 4.04
CA VAL B 104 32.84 -21.97 3.02
C VAL B 104 31.47 -22.21 2.36
N PRO B 105 31.40 -22.11 1.01
CA PRO B 105 30.16 -22.36 0.26
C PRO B 105 29.50 -23.69 0.56
N GLY B 106 28.18 -23.69 0.67
CA GLY B 106 27.41 -24.89 0.97
C GLY B 106 26.92 -25.59 -0.28
N SER B 107 25.80 -26.30 -0.14
CA SER B 107 25.21 -27.07 -1.23
C SER B 107 24.68 -26.17 -2.35
N GLN B 108 23.85 -25.20 -1.98
CA GLN B 108 23.29 -24.24 -2.93
C GLN B 108 24.05 -22.92 -2.86
N PRO B 109 24.33 -22.30 -4.03
CA PRO B 109 25.08 -21.04 -4.07
C PRO B 109 24.35 -19.92 -3.33
N GLY B 110 25.09 -19.20 -2.49
CA GLY B 110 24.52 -18.16 -1.64
C GLY B 110 24.62 -18.49 -0.16
N GLU B 111 24.68 -19.78 0.15
CA GLU B 111 24.80 -20.24 1.54
C GLU B 111 26.24 -20.55 1.92
N PHE B 112 26.60 -20.22 3.16
CA PHE B 112 27.95 -20.41 3.67
C PHE B 112 27.94 -20.94 5.10
N THR B 113 29.04 -21.58 5.49
CA THR B 113 29.24 -22.04 6.86
C THR B 113 30.63 -21.65 7.36
N LEU B 114 30.79 -21.59 8.68
CA LEU B 114 32.03 -21.12 9.31
C LEU B 114 33.16 -22.14 9.12
N GLY B 115 34.15 -21.76 8.34
CA GLY B 115 35.33 -22.58 8.09
C GLY B 115 36.13 -22.79 9.36
N ASN B 116 36.61 -24.03 9.54
CA ASN B 116 37.24 -24.46 10.79
C ASN B 116 36.41 -24.07 12.01
N ILE B 117 35.17 -24.56 12.02
CA ILE B 117 34.20 -24.26 13.08
C ILE B 117 34.60 -24.86 14.43
N LYS B 118 35.45 -25.87 14.38
CA LYS B 118 35.90 -26.57 15.60
C LYS B 118 36.72 -25.67 16.52
N SER B 119 37.56 -24.83 15.93
CA SER B 119 38.43 -23.90 16.67
C SER B 119 37.69 -23.09 17.75
N TYR B 120 36.44 -22.74 17.43
CA TYR B 120 35.61 -21.93 18.33
C TYR B 120 34.98 -22.81 19.42
N PRO B 121 35.35 -22.56 20.70
CA PRO B 121 34.82 -23.29 21.86
C PRO B 121 33.38 -22.93 22.22
N GLY B 122 32.55 -23.95 22.38
CA GLY B 122 31.14 -23.78 22.70
C GLY B 122 30.29 -23.43 21.49
N LEU B 123 30.74 -23.84 20.32
CA LEU B 123 30.07 -23.54 19.05
C LEU B 123 29.79 -24.84 18.29
N THR B 124 28.51 -25.15 18.11
CA THR B 124 28.09 -26.41 17.51
C THR B 124 27.80 -26.29 16.01
N SER B 125 27.00 -25.29 15.65
CA SER B 125 26.62 -25.07 14.26
CA SER B 125 26.59 -25.07 14.27
C SER B 125 26.62 -23.58 13.89
N TYR B 126 26.91 -23.30 12.63
CA TYR B 126 26.94 -21.93 12.11
C TYR B 126 26.41 -21.93 10.68
N LEU B 127 25.55 -20.96 10.37
CA LEU B 127 24.92 -20.87 9.05
C LEU B 127 24.84 -19.43 8.55
N VAL B 128 25.16 -19.25 7.28
CA VAL B 128 25.11 -17.95 6.63
C VAL B 128 24.31 -18.08 5.33
N ARG B 129 23.25 -17.29 5.21
CA ARG B 129 22.41 -17.30 4.00
C ARG B 129 22.16 -15.88 3.50
N VAL B 130 22.48 -15.66 2.23
CA VAL B 130 22.24 -14.36 1.59
C VAL B 130 20.79 -14.29 1.12
N VAL B 131 20.05 -13.32 1.66
CA VAL B 131 18.62 -13.18 1.40
C VAL B 131 18.35 -12.55 0.03
N SER B 132 18.75 -11.29 -0.14
CA SER B 132 18.57 -10.57 -1.39
C SER B 132 19.73 -9.60 -1.62
N THR B 133 20.14 -9.48 -2.88
CA THR B 133 21.26 -8.60 -3.23
C THR B 133 21.23 -8.14 -4.69
N ASN B 134 21.53 -6.86 -4.90
CA ASN B 134 21.77 -6.31 -6.25
C ASN B 134 23.28 -6.09 -6.47
N TYR B 135 24.08 -6.56 -5.50
CA TYR B 135 25.56 -6.62 -5.58
C TYR B 135 26.28 -5.27 -5.44
N ASN B 136 25.85 -4.26 -6.21
CA ASN B 136 26.57 -2.98 -6.29
C ASN B 136 26.07 -1.88 -5.34
N GLN B 137 24.97 -2.14 -4.64
CA GLN B 137 24.37 -1.14 -3.74
C GLN B 137 24.02 -1.70 -2.36
N HIS B 138 23.25 -2.79 -2.33
CA HIS B 138 22.79 -3.37 -1.07
C HIS B 138 22.82 -4.90 -1.05
N ALA B 139 22.83 -5.46 0.16
CA ALA B 139 22.77 -6.91 0.35
C ALA B 139 22.23 -7.24 1.75
N MET B 140 21.32 -8.20 1.82
CA MET B 140 20.80 -8.69 3.11
C MET B 140 21.29 -10.11 3.37
N VAL B 141 21.98 -10.30 4.50
CA VAL B 141 22.57 -11.59 4.86
C VAL B 141 22.09 -12.05 6.24
N PHE B 142 21.62 -13.30 6.29
CA PHE B 142 21.12 -13.92 7.51
C PHE B 142 22.22 -14.76 8.17
N PHE B 143 22.38 -14.59 9.48
CA PHE B 143 23.37 -15.35 10.26
C PHE B 143 22.69 -16.14 11.37
N LYS B 144 23.08 -17.40 11.53
CA LYS B 144 22.50 -18.29 12.53
C LYS B 144 23.60 -19.14 13.19
N LYS B 145 23.67 -19.10 14.51
CA LYS B 145 24.65 -19.90 15.26
C LYS B 145 24.06 -20.56 16.50
N VAL B 146 24.52 -21.78 16.78
CA VAL B 146 24.20 -22.47 18.03
C VAL B 146 25.42 -22.42 18.94
N SER B 147 25.40 -21.47 19.88
CA SER B 147 26.52 -21.22 20.80
C SER B 147 26.09 -21.46 22.25
N GLN B 148 26.83 -22.30 22.95
CA GLN B 148 26.49 -22.74 24.32
C GLN B 148 25.07 -23.32 24.40
N ASN B 149 24.74 -24.14 23.39
CA ASN B 149 23.39 -24.71 23.22
C ASN B 149 22.26 -23.69 23.03
N ARG B 150 22.60 -22.41 23.09
CA ARG B 150 21.64 -21.32 22.86
C ARG B 150 21.64 -20.93 21.39
N GLU B 151 20.45 -20.72 20.84
CA GLU B 151 20.30 -20.38 19.42
C GLU B 151 20.25 -18.87 19.22
N TYR B 152 21.30 -18.34 18.61
CA TYR B 152 21.39 -16.92 18.27
C TYR B 152 21.22 -16.73 16.77
N PHE B 153 20.62 -15.61 16.37
CA PHE B 153 20.51 -15.25 14.96
C PHE B 153 20.53 -13.74 14.76
N LYS B 154 21.07 -13.31 13.62
CA LYS B 154 21.09 -11.89 13.26
C LYS B 154 21.00 -11.67 11.75
N ILE B 155 20.36 -10.57 11.35
CA ILE B 155 20.26 -10.19 9.94
C ILE B 155 21.01 -8.88 9.72
N THR B 156 21.94 -8.89 8.77
CA THR B 156 22.74 -7.70 8.46
C THR B 156 22.38 -7.13 7.10
N LEU B 157 21.96 -5.86 7.10
CA LEU B 157 21.75 -5.11 5.87
C LEU B 157 23.07 -4.43 5.48
N TYR B 158 23.67 -4.93 4.41
CA TYR B 158 24.96 -4.44 3.94
C TYR B 158 24.79 -3.32 2.92
N GLY B 159 25.73 -2.37 2.95
CA GLY B 159 25.75 -1.25 2.00
C GLY B 159 27.12 -1.10 1.36
N ARG B 160 27.12 -0.78 0.08
CA ARG B 160 28.35 -0.55 -0.68
C ARG B 160 29.04 0.73 -0.19
N THR B 161 28.23 1.72 0.17
CA THR B 161 28.71 2.97 0.77
C THR B 161 28.37 3.01 2.26
N LYS B 162 28.75 4.09 2.94
CA LYS B 162 28.54 4.24 4.39
C LYS B 162 27.07 4.26 4.80
N GLU B 163 26.21 4.85 3.97
CA GLU B 163 24.77 4.93 4.25
C GLU B 163 23.92 4.62 3.01
N LEU B 164 22.75 4.03 3.26
CA LEU B 164 21.77 3.73 2.21
C LEU B 164 20.49 4.55 2.44
N THR B 165 19.55 4.43 1.49
CA THR B 165 18.28 5.13 1.56
C THR B 165 17.36 4.56 2.64
N SER B 166 16.39 5.37 3.08
CA SER B 166 15.39 4.95 4.07
C SER B 166 14.40 3.95 3.48
N GLU B 167 14.32 3.91 2.14
CA GLU B 167 13.53 2.92 1.42
C GLU B 167 14.00 1.49 1.75
N LEU B 168 15.32 1.29 1.70
CA LEU B 168 15.93 -0.02 1.99
C LEU B 168 15.97 -0.30 3.50
N LYS B 169 16.14 0.74 4.30
CA LYS B 169 16.20 0.61 5.77
C LYS B 169 14.86 0.16 6.36
N GLU B 170 13.77 0.76 5.89
CA GLU B 170 12.42 0.37 6.32
C GLU B 170 11.99 -0.96 5.71
N ASN B 171 12.58 -1.31 4.57
CA ASN B 171 12.40 -2.65 3.97
C ASN B 171 13.09 -3.72 4.80
N PHE B 172 14.21 -3.32 5.42
CA PHE B 172 15.00 -4.20 6.30
C PHE B 172 14.31 -4.43 7.65
N ILE B 173 13.68 -3.38 8.18
CA ILE B 173 12.89 -3.48 9.42
C ILE B 173 11.66 -4.37 9.21
N ARG B 174 11.05 -4.24 8.03
CA ARG B 174 9.89 -5.04 7.65
C ARG B 174 10.22 -6.53 7.57
N PHE B 175 11.41 -6.85 7.06
CA PHE B 175 11.89 -8.22 7.01
C PHE B 175 12.33 -8.73 8.39
N SER B 176 12.81 -7.82 9.22
CA SER B 176 13.20 -8.15 10.60
C SER B 176 11.97 -8.50 11.46
N LYS B 177 10.89 -7.75 11.27
CA LYS B 177 9.62 -7.99 11.97
C LYS B 177 8.98 -9.31 11.56
N SER B 178 9.15 -9.67 10.29
CA SER B 178 8.58 -10.92 9.75
C SER B 178 9.23 -12.16 10.35
N LEU B 179 10.40 -12.00 10.95
CA LEU B 179 11.11 -13.10 11.61
C LEU B 179 10.97 -13.06 13.14
N GLY B 180 10.25 -12.06 13.64
CA GLY B 180 9.91 -11.97 15.07
C GLY B 180 10.58 -10.86 15.84
N LEU B 181 11.56 -10.20 15.23
CA LEU B 181 12.35 -9.18 15.92
C LEU B 181 11.61 -7.83 15.99
N PRO B 182 11.51 -7.24 17.20
CA PRO B 182 10.79 -6.00 17.45
C PRO B 182 11.64 -4.73 17.28
N GLU B 183 11.08 -3.59 17.67
CA GLU B 183 11.71 -2.27 17.54
C GLU B 183 13.03 -2.15 18.32
N ASN B 184 13.04 -2.64 19.55
CA ASN B 184 14.21 -2.49 20.44
C ASN B 184 15.40 -3.38 20.08
N HIS B 185 15.25 -4.25 19.09
CA HIS B 185 16.32 -5.16 18.66
C HIS B 185 16.91 -4.83 17.28
N ILE B 186 16.44 -3.74 16.67
CA ILE B 186 16.95 -3.28 15.38
C ILE B 186 17.70 -1.96 15.55
N VAL B 187 18.99 -1.97 15.17
CA VAL B 187 19.83 -0.77 15.26
C VAL B 187 20.42 -0.38 13.91
N PHE B 188 20.69 0.91 13.75
CA PHE B 188 21.36 1.45 12.56
C PHE B 188 22.64 2.17 13.00
N PRO B 189 23.81 1.53 12.75
CA PRO B 189 25.11 2.02 13.23
C PRO B 189 25.50 3.42 12.75
N VAL B 190 26.28 4.12 13.56
CA VAL B 190 26.72 5.49 13.26
C VAL B 190 28.06 5.47 12.49
N PRO B 191 28.05 5.97 11.24
CA PRO B 191 29.24 5.99 10.38
C PRO B 191 30.42 6.76 10.96
N ILE B 192 31.63 6.32 10.62
CA ILE B 192 32.88 6.97 11.08
C ILE B 192 33.92 6.98 9.96
N ASP B 193 35.10 7.52 10.26
CA ASP B 193 36.23 7.57 9.33
C ASP B 193 37.36 6.61 9.73
N GLN B 194 37.44 6.31 11.03
CA GLN B 194 38.51 5.48 11.59
C GLN B 194 38.29 4.00 11.26
N CYS B 195 39.39 3.30 10.98
CA CYS B 195 39.41 1.86 10.71
C CYS B 195 38.73 1.43 9.40
N ILE B 196 37.46 1.77 9.24
CA ILE B 196 36.62 1.23 8.16
C ILE B 196 37.00 1.72 6.75
N ASP B 197 37.66 2.87 6.68
CA ASP B 197 38.16 3.41 5.41
C ASP B 197 39.66 3.15 5.29
N GLY B 198 40.01 2.25 4.37
CA GLY B 198 41.41 1.86 4.15
C GLY B 198 41.65 1.43 2.72
N THR C 24 -25.33 -15.49 -35.10
CA THR C 24 -25.80 -16.89 -34.84
C THR C 24 -24.64 -17.85 -34.48
N SER C 25 -23.42 -17.36 -34.60
CA SER C 25 -22.22 -18.16 -34.27
C SER C 25 -22.05 -18.31 -32.75
N ASP C 26 -21.29 -19.33 -32.34
CA ASP C 26 -21.13 -19.64 -30.91
C ASP C 26 -20.37 -18.55 -30.14
N LEU C 27 -20.61 -18.49 -28.83
CA LEU C 27 -20.00 -17.47 -27.98
C LEU C 27 -19.34 -18.07 -26.74
N ILE C 28 -18.23 -17.47 -26.32
CA ILE C 28 -17.61 -17.80 -25.06
C ILE C 28 -18.56 -17.37 -23.95
N PRO C 29 -18.89 -18.29 -23.02
CA PRO C 29 -19.87 -18.00 -21.98
C PRO C 29 -19.49 -16.81 -21.11
N ALA C 30 -20.49 -16.05 -20.67
CA ALA C 30 -20.27 -15.00 -19.71
C ALA C 30 -19.74 -15.63 -18.42
N PRO C 31 -18.74 -14.99 -17.78
CA PRO C 31 -18.23 -15.53 -16.53
C PRO C 31 -19.26 -15.41 -15.41
N PRO C 32 -19.17 -16.29 -14.39
CA PRO C 32 -19.98 -16.04 -13.21
C PRO C 32 -19.57 -14.72 -12.57
N LEU C 33 -20.55 -13.94 -12.10
CA LEU C 33 -20.29 -12.61 -11.53
C LEU C 33 -19.33 -12.69 -10.33
N SER C 34 -19.34 -13.82 -9.66
CA SER C 34 -18.36 -14.17 -8.61
C SER C 34 -16.90 -13.97 -9.02
N LYS C 35 -16.61 -14.09 -10.32
CA LYS C 35 -15.25 -13.92 -10.84
C LYS C 35 -14.96 -12.48 -11.30
N VAL C 36 -15.94 -11.59 -11.16
CA VAL C 36 -15.83 -10.20 -11.57
C VAL C 36 -15.85 -9.28 -10.34
N PRO C 37 -14.69 -8.83 -9.87
CA PRO C 37 -14.61 -7.97 -8.68
C PRO C 37 -15.31 -6.62 -8.85
N LEU C 38 -15.75 -6.04 -7.73
CA LEU C 38 -16.35 -4.72 -7.71
C LEU C 38 -15.45 -3.77 -6.93
N GLN C 39 -15.13 -2.63 -7.53
CA GLN C 39 -14.36 -1.58 -6.87
C GLN C 39 -14.96 -1.21 -5.52
N GLN C 40 -14.15 -1.34 -4.48
CA GLN C 40 -14.55 -1.01 -3.11
C GLN C 40 -14.81 0.50 -2.97
N ASN C 41 -15.88 0.85 -2.24
CA ASN C 41 -16.21 2.24 -1.92
C ASN C 41 -16.13 3.16 -3.14
N PHE C 42 -16.92 2.81 -4.16
CA PHE C 42 -16.89 3.52 -5.43
C PHE C 42 -17.34 4.98 -5.30
N GLN C 43 -16.57 5.89 -5.87
CA GLN C 43 -16.83 7.32 -5.80
C GLN C 43 -17.22 7.87 -7.16
N ASP C 44 -18.53 8.06 -7.35
CA ASP C 44 -19.09 8.47 -8.65
C ASP C 44 -18.55 9.80 -9.19
N ASN C 45 -18.36 10.79 -8.31
CA ASN C 45 -17.87 12.10 -8.71
C ASN C 45 -16.42 12.06 -9.22
N GLN C 46 -15.61 11.18 -8.64
CA GLN C 46 -14.21 11.02 -9.03
C GLN C 46 -14.03 10.22 -10.32
N PHE C 47 -15.02 9.41 -10.67
CA PHE C 47 -14.97 8.57 -11.89
C PHE C 47 -15.41 9.36 -13.14
N GLN C 48 -16.02 10.52 -12.91
CA GLN C 48 -16.45 11.44 -13.98
C GLN C 48 -15.36 11.85 -14.95
N GLY C 49 -15.79 12.25 -16.15
CA GLY C 49 -14.90 12.83 -17.15
C GLY C 49 -14.64 11.93 -18.32
N LYS C 50 -13.62 12.27 -19.10
CA LYS C 50 -13.24 11.52 -20.29
C LYS C 50 -12.33 10.33 -19.93
N TRP C 51 -12.63 9.18 -20.53
CA TRP C 51 -11.77 8.00 -20.46
C TRP C 51 -11.46 7.52 -21.86
N TYR C 52 -10.19 7.21 -22.11
CA TYR C 52 -9.77 6.62 -23.38
C TYR C 52 -9.77 5.11 -23.26
N VAL C 53 -10.26 4.43 -24.31
CA VAL C 53 -10.28 2.98 -24.34
C VAL C 53 -8.96 2.48 -24.93
N VAL C 54 -8.00 2.19 -24.06
CA VAL C 54 -6.67 1.76 -24.50
C VAL C 54 -6.60 0.24 -24.63
N GLY C 55 -7.56 -0.45 -24.00
CA GLY C 55 -7.66 -1.90 -24.10
C GLY C 55 -9.12 -2.34 -24.13
N LEU C 56 -9.39 -3.38 -24.92
CA LEU C 56 -10.75 -3.89 -25.10
C LEU C 56 -10.74 -5.40 -25.27
N ALA C 57 -11.53 -6.09 -24.45
CA ALA C 57 -11.65 -7.54 -24.52
C ALA C 57 -13.12 -7.97 -24.40
N GLY C 58 -13.48 -9.08 -25.03
CA GLY C 58 -14.85 -9.59 -24.95
C GLY C 58 -15.13 -10.74 -25.89
N ASN C 59 -16.28 -11.38 -25.70
CA ASN C 59 -16.64 -12.58 -26.49
C ASN C 59 -17.13 -12.27 -27.91
N ALA C 60 -17.42 -11.00 -28.19
CA ALA C 60 -17.71 -10.55 -29.56
C ALA C 60 -16.63 -9.58 -30.08
N ILE C 61 -15.52 -9.51 -29.36
CA ILE C 61 -14.38 -8.68 -29.75
C ILE C 61 -13.30 -9.58 -30.36
N LEU C 62 -12.87 -9.24 -31.58
CA LEU C 62 -11.93 -10.09 -32.32
C LEU C 62 -10.78 -9.25 -32.85
N ARG C 63 -9.55 -9.77 -32.68
CA ARG C 63 -8.36 -9.08 -33.19
CA ARG C 63 -8.36 -9.07 -33.19
C ARG C 63 -8.36 -9.11 -34.71
N GLU C 64 -8.23 -7.92 -35.31
CA GLU C 64 -8.26 -7.77 -36.76
C GLU C 64 -7.01 -7.02 -37.24
N ASP C 65 -6.00 -7.77 -37.65
CA ASP C 65 -4.73 -7.18 -38.11
C ASP C 65 -4.86 -6.47 -39.46
N LYS C 66 -5.88 -6.85 -40.22
CA LYS C 66 -6.13 -6.24 -41.53
C LYS C 66 -6.62 -4.79 -41.38
N ASP C 67 -7.51 -4.58 -40.42
CA ASP C 67 -8.09 -3.27 -40.12
C ASP C 67 -8.15 -3.08 -38.59
N PRO C 68 -7.04 -2.61 -37.98
CA PRO C 68 -6.95 -2.54 -36.52
C PRO C 68 -7.98 -1.60 -35.90
N GLN C 69 -8.54 -2.02 -34.77
CA GLN C 69 -9.50 -1.21 -34.02
C GLN C 69 -8.86 0.13 -33.65
N LYS C 70 -9.59 1.21 -33.90
CA LYS C 70 -9.12 2.55 -33.55
C LYS C 70 -9.60 2.93 -32.16
N MET C 71 -8.78 3.70 -31.45
CA MET C 71 -9.10 4.15 -30.11
C MET C 71 -10.31 5.07 -30.15
N TYR C 72 -11.22 4.88 -29.20
CA TYR C 72 -12.34 5.78 -28.98
C TYR C 72 -12.35 6.26 -27.53
N ALA C 73 -13.25 7.18 -27.22
CA ALA C 73 -13.37 7.71 -25.87
C ALA C 73 -14.78 7.55 -25.34
N THR C 74 -14.89 7.50 -24.01
CA THR C 74 -16.18 7.45 -23.34
C THR C 74 -16.17 8.50 -22.22
N ILE C 75 -17.21 9.33 -22.21
CA ILE C 75 -17.31 10.45 -21.27
C ILE C 75 -18.47 10.23 -20.33
N TYR C 76 -18.18 10.27 -19.03
CA TYR C 76 -19.18 10.08 -17.99
C TYR C 76 -19.46 11.42 -17.32
N GLU C 77 -20.72 11.83 -17.36
CA GLU C 77 -21.17 13.06 -16.72
C GLU C 77 -22.15 12.70 -15.64
N LEU C 78 -21.87 13.13 -14.42
CA LEU C 78 -22.72 12.80 -13.29
C LEU C 78 -23.89 13.73 -13.29
N LYS C 79 -25.08 13.17 -13.33
CA LYS C 79 -26.26 13.99 -13.27
C LYS C 79 -26.63 14.21 -11.82
N GLU C 80 -27.34 15.29 -11.61
CA GLU C 80 -27.85 15.68 -10.31
C GLU C 80 -28.63 14.53 -9.66
N ASP C 81 -29.24 13.67 -10.47
CA ASP C 81 -29.98 12.53 -9.94
C ASP C 81 -29.10 11.28 -9.78
N LYS C 82 -27.81 11.47 -10.02
CA LYS C 82 -26.77 10.45 -9.75
C LYS C 82 -26.57 9.39 -10.81
N SER C 83 -27.31 9.48 -11.89
CA SER C 83 -27.05 8.62 -13.02
C SER C 83 -26.05 9.34 -13.87
N TYR C 84 -25.46 8.61 -14.81
CA TYR C 84 -24.49 9.18 -15.72
C TYR C 84 -25.14 9.39 -17.07
N ASN C 85 -24.90 10.55 -17.66
CA ASN C 85 -25.03 10.71 -19.11
C ASN C 85 -23.72 10.22 -19.71
N VAL C 86 -23.80 9.22 -20.56
CA VAL C 86 -22.61 8.59 -21.12
C VAL C 86 -22.54 8.82 -22.63
N THR C 87 -21.43 9.41 -23.08
CA THR C 87 -21.18 9.65 -24.49
C THR C 87 -19.92 8.92 -24.94
N SER C 88 -20.08 8.01 -25.89
CA SER C 88 -18.92 7.42 -26.57
C SER C 88 -18.71 8.11 -27.90
N VAL C 89 -17.47 8.50 -28.16
CA VAL C 89 -17.10 9.17 -29.41
C VAL C 89 -16.06 8.35 -30.16
N LEU C 90 -16.39 7.94 -31.37
CA LEU C 90 -15.54 7.09 -32.19
C LEU C 90 -15.32 7.72 -33.57
N PHE C 91 -14.22 7.34 -34.22
CA PHE C 91 -13.91 7.77 -35.57
C PHE C 91 -14.20 6.63 -36.54
N ARG C 92 -15.36 6.69 -37.19
CA ARG C 92 -15.87 5.62 -38.04
C ARG C 92 -16.29 6.17 -39.41
N LYS C 93 -15.71 5.61 -40.48
CA LYS C 93 -16.02 5.98 -41.87
C LYS C 93 -15.84 7.48 -42.11
N LYS C 94 -14.65 7.97 -41.79
CA LYS C 94 -14.26 9.38 -41.98
C LYS C 94 -15.11 10.41 -41.21
N LYS C 95 -15.93 9.92 -40.27
CA LYS C 95 -16.79 10.79 -39.46
C LYS C 95 -16.64 10.52 -37.97
N CYS C 96 -17.05 11.50 -37.17
CA CYS C 96 -17.13 11.35 -35.72
C CYS C 96 -18.48 10.78 -35.37
N ASP C 97 -18.47 9.66 -34.64
CA ASP C 97 -19.68 8.93 -34.28
C ASP C 97 -19.97 9.14 -32.80
N TYR C 98 -21.23 9.43 -32.48
CA TYR C 98 -21.63 9.69 -31.09
C TYR C 98 -22.72 8.72 -30.61
N ALA C 99 -22.37 7.93 -29.60
CA ALA C 99 -23.30 6.99 -28.98
C ALA C 99 -23.67 7.49 -27.58
N ILE C 100 -24.97 7.62 -27.35
CA ILE C 100 -25.50 8.20 -26.12
C ILE C 100 -26.28 7.17 -25.30
N ALA C 101 -26.14 7.26 -23.98
CA ALA C 101 -26.87 6.37 -23.06
C ALA C 101 -26.89 6.94 -21.64
N THR C 102 -27.83 6.43 -20.84
CA THR C 102 -27.91 6.78 -19.41
C THR C 102 -27.62 5.54 -18.55
N PHE C 103 -26.66 5.69 -17.64
CA PHE C 103 -26.30 4.63 -16.69
C PHE C 103 -26.92 4.94 -15.34
N VAL C 104 -27.93 4.16 -14.96
CA VAL C 104 -28.64 4.34 -13.70
C VAL C 104 -27.97 3.47 -12.63
N PRO C 105 -27.67 4.05 -11.45
CA PRO C 105 -27.01 3.28 -10.39
C PRO C 105 -27.73 1.99 -10.05
N GLY C 106 -26.98 0.89 -10.00
CA GLY C 106 -27.54 -0.44 -9.76
C GLY C 106 -27.56 -0.85 -8.30
N SER C 107 -27.62 -2.16 -8.08
CA SER C 107 -27.74 -2.73 -6.73
C SER C 107 -26.64 -2.30 -5.76
N GLN C 108 -25.42 -2.13 -6.29
CA GLN C 108 -24.27 -1.75 -5.48
C GLN C 108 -23.50 -0.60 -6.13
N PRO C 109 -22.92 0.31 -5.32
CA PRO C 109 -22.15 1.43 -5.87
C PRO C 109 -21.00 0.94 -6.75
N GLY C 110 -20.93 1.47 -7.97
CA GLY C 110 -19.99 0.98 -8.98
C GLY C 110 -20.68 0.12 -10.02
N GLU C 111 -21.92 -0.26 -9.78
CA GLU C 111 -22.72 -0.98 -10.76
C GLU C 111 -23.75 -0.05 -11.39
N PHE C 112 -24.10 -0.32 -12.63
CA PHE C 112 -25.05 0.50 -13.37
C PHE C 112 -25.92 -0.36 -14.29
N THR C 113 -27.17 0.08 -14.42
CA THR C 113 -28.10 -0.49 -15.39
C THR C 113 -28.35 0.56 -16.47
N LEU C 114 -28.85 0.10 -17.63
CA LEU C 114 -29.13 1.01 -18.74
C LEU C 114 -30.51 1.61 -18.57
N GLY C 115 -30.58 2.95 -18.63
CA GLY C 115 -31.85 3.67 -18.55
C GLY C 115 -32.64 3.55 -19.85
N ASN C 116 -33.96 3.54 -19.72
CA ASN C 116 -34.87 3.45 -20.86
CA ASN C 116 -34.88 3.44 -20.85
C ASN C 116 -34.50 2.30 -21.79
N ILE C 117 -34.38 1.10 -21.22
CA ILE C 117 -33.95 -0.09 -21.96
C ILE C 117 -34.92 -0.50 -23.10
N LYS C 118 -36.17 -0.08 -23.03
CA LYS C 118 -37.16 -0.43 -24.07
C LYS C 118 -36.93 0.23 -25.42
N SER C 119 -36.31 1.40 -25.42
CA SER C 119 -35.93 2.07 -26.67
C SER C 119 -34.82 1.33 -27.43
N TYR C 120 -34.33 0.24 -26.85
CA TYR C 120 -33.31 -0.60 -27.51
C TYR C 120 -33.91 -1.95 -27.92
N PRO C 121 -34.26 -2.10 -29.20
CA PRO C 121 -34.94 -3.32 -29.67
C PRO C 121 -34.11 -4.59 -29.48
N GLY C 122 -34.74 -5.62 -28.92
CA GLY C 122 -34.07 -6.91 -28.69
C GLY C 122 -33.18 -6.97 -27.47
N LEU C 123 -33.06 -5.85 -26.76
CA LEU C 123 -32.20 -5.75 -25.58
C LEU C 123 -33.03 -5.98 -24.30
N THR C 124 -32.77 -7.09 -23.62
CA THR C 124 -33.53 -7.46 -22.42
C THR C 124 -32.75 -7.30 -21.11
N SER C 125 -31.44 -7.01 -21.22
CA SER C 125 -30.58 -6.91 -20.05
C SER C 125 -29.29 -6.16 -20.38
N TYR C 126 -28.86 -5.31 -19.45
CA TYR C 126 -27.61 -4.54 -19.59
C TYR C 126 -27.03 -4.20 -18.22
N LEU C 127 -25.79 -4.62 -17.98
CA LEU C 127 -25.14 -4.41 -16.67
C LEU C 127 -23.74 -3.82 -16.86
N VAL C 128 -23.41 -2.86 -16.00
CA VAL C 128 -22.08 -2.29 -15.95
C VAL C 128 -21.54 -2.49 -14.54
N ARG C 129 -20.28 -2.90 -14.44
CA ARG C 129 -19.61 -3.03 -13.15
C ARG C 129 -18.17 -2.55 -13.23
N VAL C 130 -17.84 -1.53 -12.45
CA VAL C 130 -16.46 -1.03 -12.36
C VAL C 130 -15.66 -2.01 -11.49
N VAL C 131 -14.65 -2.63 -12.11
CA VAL C 131 -13.86 -3.67 -11.46
C VAL C 131 -12.82 -3.05 -10.51
N SER C 132 -12.02 -2.15 -11.07
CA SER C 132 -11.06 -1.40 -10.28
C SER C 132 -10.68 -0.11 -10.98
N THR C 133 -10.33 0.91 -10.19
CA THR C 133 -9.91 2.21 -10.73
C THR C 133 -9.16 2.99 -9.65
N ASN C 134 -8.21 3.82 -10.08
CA ASN C 134 -7.59 4.81 -9.18
C ASN C 134 -8.07 6.23 -9.49
N TYR C 135 -9.00 6.33 -10.44
CA TYR C 135 -9.72 7.57 -10.78
C TYR C 135 -8.93 8.61 -11.58
N ASN C 136 -7.64 8.80 -11.26
CA ASN C 136 -6.82 9.80 -11.97
C ASN C 136 -6.00 9.24 -13.15
N GLN C 137 -5.84 7.93 -13.23
CA GLN C 137 -5.01 7.31 -14.26
C GLN C 137 -5.73 6.25 -15.10
N HIS C 138 -6.24 5.23 -14.43
CA HIS C 138 -6.73 4.03 -15.11
C HIS C 138 -8.02 3.48 -14.49
N ALA C 139 -8.70 2.64 -15.28
CA ALA C 139 -9.93 1.97 -14.83
C ALA C 139 -10.19 0.72 -15.66
N MET C 140 -10.74 -0.30 -15.02
CA MET C 140 -11.23 -1.49 -15.71
C MET C 140 -12.72 -1.61 -15.45
N VAL C 141 -13.50 -1.76 -16.51
CA VAL C 141 -14.95 -1.85 -16.39
C VAL C 141 -15.50 -3.04 -17.17
N PHE C 142 -16.37 -3.79 -16.50
CA PHE C 142 -17.02 -4.96 -17.05
C PHE C 142 -18.42 -4.58 -17.53
N PHE C 143 -18.75 -5.02 -18.73
CA PHE C 143 -20.07 -4.79 -19.32
C PHE C 143 -20.68 -6.13 -19.70
N LYS C 144 -21.98 -6.29 -19.48
CA LYS C 144 -22.69 -7.50 -19.90
C LYS C 144 -24.07 -7.14 -20.41
N LYS C 145 -24.40 -7.63 -21.62
CA LYS C 145 -25.72 -7.39 -22.21
C LYS C 145 -26.33 -8.66 -22.79
N VAL C 146 -27.66 -8.69 -22.85
CA VAL C 146 -28.38 -9.76 -23.52
C VAL C 146 -29.14 -9.16 -24.69
N SER C 147 -28.76 -9.57 -25.90
CA SER C 147 -29.30 -9.00 -27.13
C SER C 147 -29.66 -10.12 -28.10
N GLN C 148 -30.90 -10.10 -28.58
CA GLN C 148 -31.50 -11.23 -29.31
C GLN C 148 -31.32 -12.52 -28.51
N ASN C 149 -31.50 -12.43 -27.19
CA ASN C 149 -31.27 -13.52 -26.23
C ASN C 149 -29.86 -14.15 -26.24
N ARG C 150 -28.89 -13.39 -26.76
CA ARG C 150 -27.49 -13.81 -26.75
C ARG C 150 -26.74 -12.99 -25.71
N GLU C 151 -25.94 -13.66 -24.89
CA GLU C 151 -25.23 -12.99 -23.80
C GLU C 151 -23.85 -12.52 -24.24
N TYR C 152 -23.69 -11.19 -24.33
CA TYR C 152 -22.41 -10.59 -24.68
C TYR C 152 -21.76 -9.96 -23.46
N PHE C 153 -20.45 -10.10 -23.34
CA PHE C 153 -19.70 -9.39 -22.31
C PHE C 153 -18.40 -8.80 -22.86
N LYS C 154 -17.95 -7.73 -22.23
CA LYS C 154 -16.69 -7.11 -22.59
C LYS C 154 -16.05 -6.45 -21.39
N ILE C 155 -14.73 -6.44 -21.39
CA ILE C 155 -13.97 -5.73 -20.39
C ILE C 155 -13.23 -4.60 -21.10
N THR C 156 -13.33 -3.41 -20.52
CA THR C 156 -12.73 -2.23 -21.11
C THR C 156 -11.58 -1.77 -20.20
N LEU C 157 -10.46 -1.38 -20.83
CA LEU C 157 -9.34 -0.79 -20.09
C LEU C 157 -9.36 0.72 -20.37
N TYR C 158 -9.67 1.48 -19.33
CA TYR C 158 -9.80 2.93 -19.44
C TYR C 158 -8.52 3.64 -19.01
N GLY C 159 -8.15 4.67 -19.77
CA GLY C 159 -7.05 5.56 -19.40
C GLY C 159 -7.49 7.01 -19.53
N ARG C 160 -6.99 7.87 -18.65
CA ARG C 160 -7.29 9.31 -18.75
C ARG C 160 -6.40 9.96 -19.81
N THR C 161 -5.31 9.28 -20.15
CA THR C 161 -4.52 9.58 -21.33
C THR C 161 -4.62 8.42 -22.33
N LYS C 162 -4.03 8.59 -23.50
CA LYS C 162 -4.09 7.58 -24.57
C LYS C 162 -3.12 6.42 -24.33
N GLU C 163 -2.34 6.48 -23.26
CA GLU C 163 -1.37 5.42 -22.96
C GLU C 163 -1.35 5.02 -21.50
N LEU C 164 -1.08 3.76 -21.25
CA LEU C 164 -0.84 3.26 -19.89
C LEU C 164 0.40 2.37 -19.85
N THR C 165 0.90 2.15 -18.64
CA THR C 165 2.10 1.33 -18.42
C THR C 165 1.90 -0.11 -18.89
N SER C 166 3.01 -0.79 -19.13
CA SER C 166 3.00 -2.21 -19.48
C SER C 166 2.36 -3.05 -18.39
N GLU C 167 2.58 -2.65 -17.13
CA GLU C 167 2.05 -3.36 -15.98
C GLU C 167 0.51 -3.40 -15.99
N LEU C 168 -0.11 -2.26 -16.27
CA LEU C 168 -1.57 -2.14 -16.29
C LEU C 168 -2.17 -2.93 -17.45
N LYS C 169 -1.54 -2.85 -18.61
CA LYS C 169 -1.96 -3.63 -19.79
C LYS C 169 -1.82 -5.14 -19.55
N GLU C 170 -0.75 -5.51 -18.86
CA GLU C 170 -0.50 -6.92 -18.51
C GLU C 170 -1.52 -7.42 -17.49
N ASN C 171 -1.89 -6.56 -16.54
CA ASN C 171 -2.97 -6.86 -15.58
C ASN C 171 -4.31 -7.09 -16.27
N PHE C 172 -4.56 -6.32 -17.32
CA PHE C 172 -5.83 -6.37 -18.06
C PHE C 172 -5.96 -7.68 -18.86
N ILE C 173 -4.86 -8.12 -19.45
CA ILE C 173 -4.79 -9.39 -20.19
C ILE C 173 -5.02 -10.58 -19.25
N ARG C 174 -4.36 -10.55 -18.11
CA ARG C 174 -4.46 -11.60 -17.10
C ARG C 174 -5.89 -11.71 -16.54
N PHE C 175 -6.54 -10.57 -16.33
CA PHE C 175 -7.91 -10.54 -15.85
C PHE C 175 -8.88 -11.04 -16.92
N SER C 176 -8.65 -10.62 -18.16
CA SER C 176 -9.48 -11.04 -19.29
C SER C 176 -9.42 -12.56 -19.47
N LYS C 177 -8.22 -13.12 -19.39
CA LYS C 177 -8.02 -14.57 -19.49
C LYS C 177 -8.72 -15.33 -18.38
N SER C 178 -8.68 -14.79 -17.16
CA SER C 178 -9.34 -15.40 -16.01
C SER C 178 -10.86 -15.47 -16.16
N LEU C 179 -11.41 -14.70 -17.09
CA LEU C 179 -12.84 -14.76 -17.42
C LEU C 179 -13.10 -15.63 -18.66
N GLY C 180 -12.05 -16.31 -19.14
CA GLY C 180 -12.19 -17.30 -20.21
C GLY C 180 -11.93 -16.79 -21.62
N LEU C 181 -11.35 -15.59 -21.74
CA LEU C 181 -11.06 -15.02 -23.06
C LEU C 181 -9.63 -15.34 -23.52
N PRO C 182 -9.51 -15.92 -24.73
CA PRO C 182 -8.18 -16.18 -25.30
C PRO C 182 -7.58 -14.90 -25.90
N GLU C 183 -6.28 -14.92 -26.17
CA GLU C 183 -5.54 -13.73 -26.60
C GLU C 183 -6.13 -12.99 -27.82
N ASN C 184 -6.74 -13.74 -28.75
CA ASN C 184 -7.31 -13.13 -29.96
C ASN C 184 -8.62 -12.36 -29.72
N HIS C 185 -9.16 -12.46 -28.49
CA HIS C 185 -10.35 -11.68 -28.11
C HIS C 185 -9.98 -10.45 -27.28
N ILE C 186 -8.68 -10.18 -27.14
CA ILE C 186 -8.20 -9.02 -26.40
C ILE C 186 -7.45 -8.08 -27.36
N VAL C 187 -7.96 -6.86 -27.54
CA VAL C 187 -7.35 -5.90 -28.45
C VAL C 187 -6.90 -4.62 -27.75
N PHE C 188 -5.91 -3.96 -28.35
CA PHE C 188 -5.41 -2.66 -27.86
C PHE C 188 -5.57 -1.61 -28.97
N PRO C 189 -6.69 -0.88 -28.96
CA PRO C 189 -7.00 0.14 -29.96
C PRO C 189 -5.86 1.13 -30.17
N VAL C 190 -5.52 1.37 -31.43
CA VAL C 190 -4.42 2.27 -31.79
C VAL C 190 -4.85 3.73 -31.57
N PRO C 191 -4.05 4.50 -30.81
CA PRO C 191 -4.33 5.91 -30.54
C PRO C 191 -4.49 6.75 -31.81
N ILE C 192 -5.49 7.64 -31.80
CA ILE C 192 -5.75 8.55 -32.90
C ILE C 192 -5.99 9.96 -32.37
N ASP C 193 -5.96 10.95 -33.26
CA ASP C 193 -6.17 12.36 -32.87
C ASP C 193 -7.56 12.86 -33.21
N GLN C 194 -8.16 12.27 -34.24
CA GLN C 194 -9.47 12.71 -34.73
C GLN C 194 -10.64 12.27 -33.83
N CYS C 195 -11.56 13.21 -33.61
CA CYS C 195 -12.82 13.03 -32.86
C CYS C 195 -12.70 12.96 -31.34
N ILE C 196 -11.69 12.27 -30.84
CA ILE C 196 -11.62 11.89 -29.43
C ILE C 196 -10.92 12.91 -28.51
N ASP C 197 -10.40 13.99 -29.07
CA ASP C 197 -9.71 15.03 -28.27
C ASP C 197 -10.54 16.32 -28.20
FE FE D . -12.41 10.81 19.77
S SO4 E . 5.31 3.70 26.24
O1 SO4 E . 5.86 3.34 24.93
O2 SO4 E . 6.02 2.94 27.28
O3 SO4 E . 5.51 5.12 26.47
O4 SO4 E . 3.89 3.37 26.29
O4 DBS F . -11.07 12.42 18.99
C4 DBS F . -9.86 12.32 19.59
C7 DBS F . -8.91 13.32 19.43
C1 DBS F . -9.56 11.20 20.36
O1 DBS F . -10.51 10.23 20.50
C16 DBS F . -8.32 11.07 20.97
C13 DBS F . -7.37 12.08 20.80
C10 DBS F . -7.67 13.21 20.04
C19 DBS F . -7.99 9.87 21.81
O7 DBS F . -6.83 9.48 21.84
N1 DBS F . -8.97 9.29 22.50
C22 DBS F . -8.78 8.11 23.34
C28 DBS F . -9.59 8.38 24.61
O13 DBS F . -9.02 9.48 25.32
C25 DBS F . -9.27 6.87 22.65
O10 DBS F . -9.06 6.75 21.41
O15 DBS F . -9.87 5.98 23.30
O17 DBH G . -15.21 5.30 20.34
C21 DBH G . -15.59 6.42 19.93
O9 DBH G . -16.53 7.04 20.48
C18 DBH G . -14.91 7.04 18.75
C15 DBH G . -15.07 6.48 17.49
C12 DBH G . -14.43 7.04 16.38
C3 DBH G . -14.10 8.16 18.92
O3 DBH G . -13.94 8.71 20.15
C6 DBH G . -13.47 8.73 17.82
C9 DBH G . -13.64 8.17 16.55
O6 DBH G . -12.68 9.83 17.98
O17 DBH H . -17.10 12.99 18.40
C21 DBH H . -15.89 13.16 18.68
O9 DBH H . -15.02 13.28 17.78
C18 DBH H . -15.46 13.21 20.11
C15 DBH H . -15.97 14.17 20.98
C12 DBH H . -15.56 14.19 22.31
C3 DBH H . -14.55 12.27 20.58
O3 DBH H . -14.06 11.33 19.72
C6 DBH H . -14.14 12.28 21.90
C9 DBH H . -14.64 13.24 22.77
O6 DBH H . -13.25 11.36 22.34
C1 GOL I . 0.01 9.03 -4.78
O1 GOL I . -1.27 8.64 -4.32
C2 GOL I . 0.00 10.49 -5.26
O2 GOL I . -0.71 11.31 -4.36
C3 GOL I . -0.55 10.59 -6.68
O3 GOL I . -1.97 10.56 -6.71
FE FE J . 29.87 -13.27 16.02
O17 DBH K . 24.36 -12.80 18.50
C21 DBH K . 25.18 -12.40 17.65
O9 DBH K . 25.74 -11.29 17.75
C18 DBH K . 25.49 -13.28 16.47
C15 DBH K . 24.46 -13.99 15.85
C12 DBH K . 24.74 -14.81 14.76
C3 DBH K . 26.79 -13.40 16.02
O3 DBH K . 27.80 -12.71 16.62
C6 DBH K . 27.08 -14.23 14.93
C9 DBH K . 26.05 -14.94 14.30
O6 DBH K . 28.36 -14.34 14.48
FE FE L . -22.33 -1.71 -26.78
S SO4 M . -12.32 -18.62 -30.63
O1 SO4 M . -11.41 -17.68 -29.98
O2 SO4 M . -11.68 -19.13 -31.84
O3 SO4 M . -12.61 -19.73 -29.72
O4 SO4 M . -13.55 -17.92 -30.99
O4 DBS N . -22.28 -2.48 -24.56
C4 DBS N . -21.88 -3.78 -24.59
C7 DBS N . -21.99 -4.58 -23.45
C1 DBS N . -21.36 -4.32 -25.76
O1 DBS N . -21.26 -3.51 -26.85
C16 DBS N . -20.96 -5.64 -25.81
C13 DBS N . -21.07 -6.44 -24.68
C10 DBS N . -21.59 -5.90 -23.50
C19 DBS N . -20.40 -6.22 -27.08
O7 DBS N . -19.54 -7.08 -27.00
N1 DBS N . -20.86 -5.80 -28.25
C22 DBS N . -20.37 -6.31 -29.52
C28 DBS N . -21.52 -6.97 -30.29
O13 DBS N . -22.73 -6.21 -30.20
C25 DBS N . -19.74 -5.18 -30.28
O10 DBS N . -20.49 -4.40 -30.91
O15 DBS N . -18.50 -5.06 -30.22
O4 DBS O . -24.35 -2.54 -28.05
C4 DBS O . -25.25 -1.74 -27.42
C7 DBS O . -26.61 -2.02 -27.50
C1 DBS O . -24.81 -0.64 -26.70
O1 DBS O . -23.48 -0.39 -26.65
C16 DBS O . -25.72 0.19 -26.05
C13 DBS O . -27.08 -0.10 -26.14
C10 DBS O . -27.53 -1.20 -26.85
C19 DBS O . -25.25 1.39 -25.28
O7 DBS O . -26.07 2.05 -24.64
N1 DBS O . -23.96 1.72 -25.30
C22 DBS O . -23.39 2.86 -24.57
C28 DBS O . -22.78 2.26 -23.30
O13 DBS O . -21.83 1.23 -23.63
C25 DBS O . -22.35 3.58 -25.37
O10 DBS O . -21.67 4.48 -24.83
O15 DBS O . -22.19 3.26 -26.57
O17 DBH P . -20.24 0.07 -31.73
C21 DBH P . -20.94 0.77 -30.95
O9 DBH P . -22.05 1.23 -31.31
C18 DBH P . -20.44 1.04 -29.56
C15 DBH P . -19.56 2.11 -29.35
C12 DBH P . -19.09 2.37 -28.06
C3 DBH P . -20.85 0.25 -28.49
O3 DBH P . -21.70 -0.79 -28.70
C6 DBH P . -20.37 0.52 -27.20
C9 DBH P . -19.50 1.57 -27.00
O6 DBH P . -20.77 -0.27 -26.16
C1 GOL Q . -31.71 -2.92 -16.83
O1 GOL Q . -30.55 -2.63 -17.58
C2 GOL Q . -31.91 -4.42 -16.70
O2 GOL Q . -33.12 -4.68 -16.02
C3 GOL Q . -30.74 -5.05 -15.91
O3 GOL Q . -29.83 -5.68 -16.76
C1 GOL R . -28.97 18.08 -14.16
O1 GOL R . -27.65 18.01 -13.65
C2 GOL R . -29.43 16.68 -14.56
O2 GOL R . -29.70 16.66 -15.96
C3 GOL R . -30.68 16.26 -13.80
O3 GOL R . -30.45 15.14 -12.96
#